data_6SSU
#
_entry.id   6SSU
#
_cell.length_a   112.280
_cell.length_b   152.370
_cell.length_c   71.140
_cell.angle_alpha   90.000
_cell.angle_beta   90.000
_cell.angle_gamma   90.000
#
_symmetry.space_group_name_H-M   'C 2 2 21'
#
loop_
_entity.id
_entity.type
_entity.pdbx_description
1 polymer 'Microsomal glutathione S-transferase 2'
2 non-polymer '(2R)-2,3-dihydroxypropyl (9Z)-octadec-9-enoate'
3 non-polymer GLUTATHIONE
4 non-polymer 'NITRATE ION'
5 water water
#
_entity_poly.entity_id   1
_entity_poly.type   'polypeptide(L)'
_entity_poly.pdbx_seq_one_letter_code
;MHHHHHHAGNSILLAAVSILSACQQSYFALQVGKARLKYKVTPPAVTGSPEFERVFRAQQNCVEFYPIFIITLWMAGWYF
NQVFATCLGLVYIYGRHLYFWGYSEAAKKRITGFRLSLGILALLTLLGALGIANSFLDEYLDLNIAKKLRRQF
;
_entity_poly.pdbx_strand_id   A,B,C
#
# COMPACT_ATOMS: atom_id res chain seq x y z
N ASN A 10 13.04 -7.39 18.77
CA ASN A 10 13.52 -8.49 17.94
C ASN A 10 12.80 -8.46 16.57
N SER A 11 12.62 -7.24 16.07
CA SER A 11 12.17 -6.96 14.74
C SER A 11 12.93 -5.73 14.30
N ILE A 12 14.00 -5.45 15.03
CA ILE A 12 14.74 -4.22 14.88
C ILE A 12 15.34 -4.09 13.48
N LEU A 13 15.79 -5.21 12.93
CA LEU A 13 16.34 -5.18 11.58
C LEU A 13 15.26 -4.91 10.52
N LEU A 14 14.10 -5.53 10.68
CA LEU A 14 12.99 -5.29 9.78
C LEU A 14 12.59 -3.81 9.77
N ALA A 15 12.51 -3.25 10.97
CA ALA A 15 12.17 -1.85 11.13
C ALA A 15 13.15 -0.95 10.39
N ALA A 16 14.43 -1.29 10.43
CA ALA A 16 15.45 -0.46 9.82
C ALA A 16 15.33 -0.45 8.30
N VAL A 17 15.25 -1.65 7.71
CA VAL A 17 15.07 -1.80 6.28
C VAL A 17 13.82 -1.06 5.83
N SER A 18 12.78 -1.13 6.63
CA SER A 18 11.51 -0.48 6.34
C SER A 18 11.65 1.05 6.29
N ILE A 19 12.51 1.62 7.12
CA ILE A 19 12.68 3.06 7.15
C ILE A 19 13.51 3.50 5.95
N LEU A 20 14.49 2.69 5.59
CA LEU A 20 15.26 2.93 4.37
C LEU A 20 14.42 2.96 3.14
N SER A 21 13.54 1.98 3.00
CA SER A 21 12.76 1.89 1.79
C SER A 21 11.78 3.06 1.71
N ALA A 22 11.26 3.49 2.86
CA ALA A 22 10.32 4.63 2.88
C ALA A 22 10.98 5.92 2.43
N CYS A 23 12.25 6.08 2.80
CA CYS A 23 13.03 7.21 2.36
C CYS A 23 13.27 7.14 0.86
N GLN A 24 13.45 5.92 0.36
CA GLN A 24 13.69 5.73 -1.05
C GLN A 24 12.47 6.18 -1.83
N GLN A 25 11.29 5.79 -1.33
CA GLN A 25 10.06 6.12 -2.00
C GLN A 25 9.81 7.63 -2.05
N SER A 26 10.16 8.32 -0.96
CA SER A 26 9.97 9.74 -0.87
C SER A 26 10.92 10.49 -1.79
N TYR A 27 12.12 9.97 -1.91
CA TYR A 27 13.11 10.53 -2.79
C TYR A 27 12.61 10.45 -4.23
N PHE A 28 11.98 9.34 -4.60
CA PHE A 28 11.40 9.17 -5.93
C PHE A 28 10.29 10.16 -6.18
N ALA A 29 9.46 10.42 -5.18
CA ALA A 29 8.34 11.37 -5.30
C ALA A 29 8.82 12.79 -5.56
N LEU A 30 9.96 13.09 -4.96
CA LEU A 30 10.62 14.36 -5.09
C LEU A 30 11.10 14.56 -6.51
N GLN A 31 11.56 13.49 -7.15
CA GLN A 31 12.04 13.53 -8.53
C GLN A 31 10.95 13.88 -9.49
N VAL A 32 9.76 13.37 -9.23
CA VAL A 32 8.62 13.69 -10.06
C VAL A 32 8.30 15.19 -9.92
N GLY A 33 8.41 15.70 -8.70
CA GLY A 33 8.20 17.10 -8.41
C GLY A 33 9.23 17.97 -9.12
N LYS A 34 10.49 17.56 -9.11
CA LYS A 34 11.49 18.33 -9.83
C LYS A 34 11.25 18.23 -11.33
N ALA A 35 10.75 17.10 -11.81
CA ALA A 35 10.45 16.92 -13.21
C ALA A 35 9.29 17.80 -13.68
N ARG A 36 8.31 17.99 -12.79
CA ARG A 36 7.18 18.86 -13.08
C ARG A 36 7.62 20.30 -13.36
N LEU A 37 8.62 20.77 -12.62
CA LEU A 37 9.08 22.12 -12.81
C LEU A 37 9.93 22.21 -14.06
N LYS A 38 10.76 21.20 -14.28
CA LYS A 38 11.70 21.22 -15.39
C LYS A 38 11.07 21.06 -16.79
N TYR A 39 9.97 20.35 -16.93
CA TYR A 39 9.40 20.09 -18.26
C TYR A 39 8.02 20.70 -18.36
N LYS A 40 7.72 21.54 -17.38
CA LYS A 40 6.49 22.31 -17.32
C LYS A 40 5.23 21.46 -17.38
N VAL A 41 5.09 20.51 -16.46
CA VAL A 41 3.85 19.76 -16.44
C VAL A 41 3.06 20.21 -15.23
N THR A 42 2.00 20.96 -15.48
CA THR A 42 1.17 21.61 -14.47
C THR A 42 0.05 20.75 -13.93
N PRO A 43 -0.03 20.59 -12.60
CA PRO A 43 -1.03 19.70 -11.99
C PRO A 43 -2.45 20.14 -12.30
N PRO A 44 -3.38 19.20 -12.51
CA PRO A 44 -3.37 17.74 -12.36
C PRO A 44 -2.91 16.88 -13.57
N ALA A 45 -2.26 17.47 -14.56
CA ALA A 45 -1.77 16.74 -15.71
C ALA A 45 -0.58 15.85 -15.37
N VAL A 46 -0.48 14.69 -16.03
CA VAL A 46 0.69 13.83 -15.89
C VAL A 46 1.26 13.40 -17.22
N THR A 47 0.84 14.06 -18.31
CA THR A 47 1.36 13.77 -19.64
C THR A 47 1.80 15.05 -20.28
N GLY A 48 2.62 14.96 -21.34
CA GLY A 48 3.00 16.15 -22.09
C GLY A 48 4.47 16.31 -22.40
N SER A 49 5.29 15.40 -21.94
CA SER A 49 6.73 15.45 -22.09
C SER A 49 7.25 14.03 -21.94
N PRO A 50 8.02 13.55 -22.91
CA PRO A 50 8.47 12.15 -22.82
C PRO A 50 9.33 11.93 -21.58
N GLU A 51 10.17 12.89 -21.23
CA GLU A 51 11.05 12.68 -20.07
C GLU A 51 10.32 12.62 -18.75
N PHE A 52 9.28 13.43 -18.62
CA PHE A 52 8.40 13.38 -17.45
C PHE A 52 7.60 12.10 -17.33
N GLU A 53 7.08 11.60 -18.44
CA GLU A 53 6.22 10.44 -18.43
C GLU A 53 6.96 9.17 -18.02
N ARG A 54 8.25 9.11 -18.30
CA ARG A 54 9.07 7.99 -17.89
C ARG A 54 9.35 8.02 -16.40
N VAL A 55 9.68 9.20 -15.89
CA VAL A 55 9.91 9.40 -14.47
C VAL A 55 8.64 9.14 -13.69
N PHE A 56 7.54 9.67 -14.19
CA PHE A 56 6.27 9.47 -13.52
C PHE A 56 5.90 8.01 -13.47
N ARG A 57 5.98 7.33 -14.61
CA ARG A 57 5.58 5.93 -14.66
C ARG A 57 6.45 5.02 -13.80
N ALA A 58 7.75 5.25 -13.78
CA ALA A 58 8.64 4.50 -12.93
C ALA A 58 8.28 4.68 -11.45
N GLN A 59 8.06 5.93 -11.03
CA GLN A 59 7.71 6.18 -9.64
C GLN A 59 6.39 5.52 -9.29
N GLN A 60 5.46 5.47 -10.23
CA GLN A 60 4.17 4.85 -10.00
C GLN A 60 4.28 3.32 -9.80
N ASN A 61 5.16 2.68 -10.56
CA ASN A 61 5.35 1.24 -10.43
C ASN A 61 5.93 0.89 -9.07
N CYS A 62 6.89 1.69 -8.63
CA CYS A 62 7.51 1.53 -7.34
C CYS A 62 6.56 1.71 -6.17
N VAL A 63 5.74 2.75 -6.18
CA VAL A 63 4.95 2.98 -5.00
C VAL A 63 3.81 1.95 -4.92
N GLU A 64 3.43 1.40 -6.06
N GLU A 64 3.42 1.39 -6.06
CA GLU A 64 2.37 0.39 -6.10
CA GLU A 64 2.36 0.38 -6.11
C GLU A 64 2.89 -0.93 -5.52
C GLU A 64 2.86 -0.99 -5.63
N PHE A 65 4.13 -1.26 -5.85
CA PHE A 65 4.71 -2.50 -5.39
C PHE A 65 5.21 -2.40 -3.94
N TYR A 66 5.26 -1.20 -3.38
CA TYR A 66 5.79 -1.02 -2.03
C TYR A 66 5.11 -1.85 -0.92
N PRO A 67 3.78 -1.81 -0.81
CA PRO A 67 3.19 -2.60 0.27
C PRO A 67 3.33 -4.10 0.08
N ILE A 68 3.51 -4.53 -1.16
CA ILE A 68 3.68 -5.96 -1.41
C ILE A 68 5.04 -6.40 -0.92
N PHE A 69 6.03 -5.53 -1.10
CA PHE A 69 7.36 -5.81 -0.61
C PHE A 69 7.41 -5.79 0.92
N ILE A 70 6.70 -4.85 1.53
CA ILE A 70 6.73 -4.72 2.99
C ILE A 70 6.14 -5.94 3.70
N ILE A 71 4.98 -6.41 3.24
CA ILE A 71 4.35 -7.59 3.80
C ILE A 71 5.23 -8.83 3.71
N THR A 72 5.73 -9.04 2.51
CA THR A 72 6.59 -10.16 2.19
C THR A 72 7.87 -10.11 3.01
N LEU A 73 8.42 -8.93 3.18
CA LEU A 73 9.59 -8.73 4.02
C LEU A 73 9.33 -9.13 5.47
N TRP A 74 8.19 -8.72 6.04
CA TRP A 74 7.94 -9.00 7.45
C TRP A 74 7.50 -10.46 7.72
N MET A 75 6.73 -11.07 6.81
CA MET A 75 6.34 -12.48 6.99
C MET A 75 7.58 -13.37 6.88
N ALA A 76 8.48 -13.02 5.99
CA ALA A 76 9.71 -13.77 5.88
C ALA A 76 10.54 -13.53 7.12
N GLY A 77 10.69 -12.27 7.51
CA GLY A 77 11.53 -11.92 8.64
C GLY A 77 11.02 -12.43 9.97
N TRP A 78 9.70 -12.51 10.11
CA TRP A 78 9.08 -13.00 11.31
C TRP A 78 9.08 -14.53 11.36
N TYR A 79 8.77 -15.19 10.24
CA TYR A 79 8.56 -16.62 10.28
C TYR A 79 9.65 -17.48 9.68
N PHE A 80 10.74 -16.89 9.22
CA PHE A 80 11.81 -17.72 8.67
C PHE A 80 13.15 -17.37 9.27
N ASN A 81 13.60 -16.14 9.00
CA ASN A 81 14.84 -15.65 9.56
C ASN A 81 15.01 -14.13 9.29
N GLN A 82 15.15 -13.35 10.35
CA GLN A 82 15.23 -11.91 10.22
C GLN A 82 16.52 -11.46 9.55
N VAL A 83 17.64 -12.09 9.86
CA VAL A 83 18.86 -11.62 9.24
C VAL A 83 18.85 -11.90 7.74
N PHE A 84 18.31 -13.04 7.33
CA PHE A 84 18.35 -13.35 5.91
C PHE A 84 17.33 -12.50 5.14
N ALA A 85 16.14 -12.31 5.69
CA ALA A 85 15.14 -11.45 5.06
C ALA A 85 15.67 -10.02 4.91
N THR A 86 16.36 -9.55 5.94
CA THR A 86 16.97 -8.22 5.98
C THR A 86 17.94 -8.01 4.85
N CYS A 87 18.76 -9.02 4.58
CA CYS A 87 19.74 -8.94 3.51
C CYS A 87 19.06 -8.91 2.15
N LEU A 88 18.05 -9.75 1.98
CA LEU A 88 17.31 -9.75 0.72
C LEU A 88 16.66 -8.37 0.53
N GLY A 89 16.13 -7.80 1.60
CA GLY A 89 15.50 -6.49 1.59
C GLY A 89 16.43 -5.40 1.09
N LEU A 90 17.69 -5.44 1.52
CA LEU A 90 18.65 -4.47 1.08
C LEU A 90 18.91 -4.59 -0.43
N VAL A 91 19.05 -5.82 -0.92
CA VAL A 91 19.30 -6.04 -2.34
C VAL A 91 18.10 -5.61 -3.16
N TYR A 92 16.89 -5.79 -2.63
CA TYR A 92 15.70 -5.30 -3.32
C TYR A 92 15.70 -3.77 -3.48
N ILE A 93 16.06 -3.07 -2.42
CA ILE A 93 16.10 -1.62 -2.43
C ILE A 93 17.07 -1.18 -3.52
N TYR A 94 18.16 -1.92 -3.67
CA TYR A 94 19.13 -1.66 -4.72
C TYR A 94 18.57 -1.91 -6.13
N GLY A 95 17.88 -3.03 -6.31
CA GLY A 95 17.20 -3.27 -7.57
C GLY A 95 16.24 -2.15 -7.99
N ARG A 96 15.54 -1.56 -7.04
CA ARG A 96 14.58 -0.52 -7.38
C ARG A 96 15.31 0.76 -7.76
N HIS A 97 16.51 0.91 -7.20
CA HIS A 97 17.40 2.00 -7.55
C HIS A 97 17.86 1.93 -9.00
N LEU A 98 18.16 0.71 -9.46
CA LEU A 98 18.53 0.48 -10.86
C LEU A 98 17.33 0.74 -11.76
N TYR A 99 16.20 0.17 -11.38
CA TYR A 99 14.96 0.29 -12.15
C TYR A 99 14.56 1.76 -12.45
N PHE A 100 14.55 2.60 -11.43
CA PHE A 100 14.06 3.97 -11.53
C PHE A 100 14.91 4.87 -12.39
N TRP A 101 16.20 4.88 -12.12
CA TRP A 101 17.11 5.71 -12.86
C TRP A 101 17.31 5.16 -14.24
N GLY A 102 17.21 3.84 -14.36
CA GLY A 102 17.29 3.21 -15.67
C GLY A 102 16.18 3.71 -16.55
N TYR A 103 14.96 3.68 -16.02
CA TYR A 103 13.78 3.99 -16.80
C TYR A 103 13.82 5.48 -17.19
N SER A 104 14.33 6.32 -16.29
CA SER A 104 14.39 7.77 -16.51
C SER A 104 15.18 8.10 -17.75
N GLU A 105 16.18 7.29 -18.05
CA GLU A 105 16.99 7.57 -19.22
C GLU A 105 16.37 7.01 -20.50
N ALA A 106 15.80 5.81 -20.41
CA ALA A 106 15.14 5.17 -21.54
C ALA A 106 14.32 3.99 -21.06
N ALA A 107 13.09 3.85 -21.55
CA ALA A 107 12.18 2.79 -21.10
C ALA A 107 12.82 1.40 -21.13
N LYS A 108 13.82 1.22 -21.98
CA LYS A 108 14.39 -0.08 -22.23
C LYS A 108 15.56 -0.35 -21.28
N LYS A 109 15.99 0.65 -20.53
CA LYS A 109 17.03 0.42 -19.51
C LYS A 109 16.45 0.11 -18.14
N ARG A 110 15.17 -0.22 -18.08
CA ARG A 110 14.53 -0.54 -16.80
C ARG A 110 14.61 -2.04 -16.43
N ILE A 111 15.00 -2.86 -17.40
CA ILE A 111 14.83 -4.31 -17.33
C ILE A 111 15.74 -5.07 -16.33
N THR A 112 16.98 -4.66 -16.16
CA THR A 112 17.82 -5.28 -15.15
C THR A 112 17.27 -5.15 -13.72
N GLY A 113 17.04 -3.91 -13.29
CA GLY A 113 16.54 -3.62 -11.95
C GLY A 113 15.18 -4.21 -11.71
N PHE A 114 14.42 -4.34 -12.77
CA PHE A 114 13.13 -4.98 -12.72
C PHE A 114 13.30 -6.47 -12.45
N ARG A 115 14.24 -7.10 -13.15
CA ARG A 115 14.46 -8.52 -12.97
C ARG A 115 15.08 -8.84 -11.64
N LEU A 116 16.02 -8.03 -11.19
CA LEU A 116 16.62 -8.30 -9.88
C LEU A 116 15.58 -8.23 -8.79
N SER A 117 14.72 -7.23 -8.85
CA SER A 117 13.79 -6.98 -7.76
C SER A 117 12.59 -7.91 -7.80
N LEU A 118 12.19 -8.40 -8.96
CA LEU A 118 11.11 -9.39 -8.95
C LEU A 118 11.65 -10.74 -8.58
N GLY A 119 12.93 -10.96 -8.86
CA GLY A 119 13.59 -12.16 -8.43
C GLY A 119 13.58 -12.23 -6.93
N ILE A 120 14.00 -11.14 -6.30
CA ILE A 120 14.03 -11.04 -4.86
C ILE A 120 12.69 -11.17 -4.18
N LEU A 121 11.69 -10.52 -4.73
CA LEU A 121 10.38 -10.58 -4.17
C LEU A 121 9.90 -12.02 -4.11
N ALA A 122 10.25 -12.76 -5.16
CA ALA A 122 9.82 -14.15 -5.31
C ALA A 122 10.48 -15.03 -4.31
N LEU A 123 11.76 -14.81 -4.08
CA LEU A 123 12.50 -15.53 -3.06
C LEU A 123 11.89 -15.25 -1.67
N LEU A 124 11.65 -13.97 -1.39
CA LEU A 124 11.00 -13.60 -0.15
C LEU A 124 9.63 -14.25 0.03
N THR A 125 8.85 -14.32 -1.05
CA THR A 125 7.53 -14.95 -0.97
C THR A 125 7.68 -16.43 -0.60
N LEU A 126 8.65 -17.08 -1.22
CA LEU A 126 8.92 -18.48 -0.97
C LEU A 126 9.32 -18.74 0.49
N LEU A 127 10.31 -18.00 0.97
CA LEU A 127 10.79 -18.18 2.35
C LEU A 127 9.68 -17.93 3.38
N GLY A 128 8.91 -16.89 3.19
CA GLY A 128 7.77 -16.66 4.05
C GLY A 128 6.79 -17.82 4.06
N ALA A 129 6.52 -18.43 2.91
CA ALA A 129 5.59 -19.54 2.83
C ALA A 129 6.11 -20.79 3.56
N LEU A 130 7.40 -21.06 3.46
CA LEU A 130 8.02 -22.20 4.13
C LEU A 130 7.95 -22.00 5.62
N GLY A 131 8.41 -20.84 6.05
CA GLY A 131 8.41 -20.44 7.45
C GLY A 131 7.04 -20.44 8.11
N ILE A 132 6.03 -19.98 7.40
CA ILE A 132 4.67 -20.01 7.95
C ILE A 132 4.22 -21.46 8.08
N ALA A 133 4.53 -22.28 7.08
CA ALA A 133 4.16 -23.69 7.09
C ALA A 133 4.80 -24.40 8.28
N ASN A 134 6.11 -24.29 8.37
CA ASN A 134 6.84 -24.91 9.46
C ASN A 134 6.28 -24.48 10.79
N SER A 135 5.92 -23.20 10.86
CA SER A 135 5.43 -22.58 12.07
C SER A 135 4.01 -23.05 12.37
N PHE A 136 3.28 -23.48 11.36
CA PHE A 136 1.92 -23.94 11.56
C PHE A 136 1.93 -25.31 12.20
N LEU A 137 3.00 -26.05 11.96
CA LEU A 137 3.15 -27.40 12.45
C LEU A 137 3.52 -27.40 13.93
N ASP A 138 3.79 -26.23 14.48
CA ASP A 138 4.11 -26.13 15.89
C ASP A 138 2.87 -26.10 16.77
N GLU A 139 1.68 -26.08 16.19
CA GLU A 139 0.51 -26.27 17.04
C GLU A 139 0.00 -27.66 16.67
N TYR A 140 0.84 -28.38 15.94
CA TYR A 140 0.68 -29.80 15.67
C TYR A 140 1.91 -30.46 16.28
N LEU A 141 2.71 -29.64 16.96
CA LEU A 141 3.94 -30.01 17.67
C LEU A 141 5.09 -30.58 16.85
N ASP A 142 4.94 -30.62 15.53
CA ASP A 142 6.04 -31.01 14.67
C ASP A 142 6.85 -29.78 14.25
N LEU A 143 8.14 -29.82 14.56
CA LEU A 143 9.08 -28.77 14.23
C LEU A 143 10.24 -29.31 13.39
N ASN A 144 10.56 -28.67 12.27
CA ASN A 144 11.71 -29.14 11.51
C ASN A 144 12.99 -28.50 12.02
N ILE A 145 13.10 -28.54 13.35
CA ILE A 145 14.37 -28.37 14.04
C ILE A 145 15.00 -29.75 14.07
N ALA A 146 14.35 -30.69 13.40
CA ALA A 146 14.79 -32.07 13.36
C ALA A 146 15.64 -32.28 12.12
N LYS A 147 15.67 -31.25 11.27
CA LYS A 147 16.55 -31.22 10.11
C LYS A 147 17.81 -30.44 10.47
N LYS A 148 17.67 -29.54 11.43
CA LYS A 148 18.81 -28.78 11.95
C LYS A 148 19.87 -29.69 12.57
N GLY B 9 2.37 -15.46 15.53
CA GLY B 9 2.25 -16.45 16.58
C GLY B 9 0.79 -16.79 16.79
N ASN B 10 0.06 -15.84 17.35
CA ASN B 10 -1.38 -15.88 17.27
C ASN B 10 -1.73 -14.94 16.14
N SER B 11 -0.95 -15.04 15.06
CA SER B 11 -1.18 -14.30 13.82
C SER B 11 -0.84 -15.14 12.60
N ILE B 12 -0.69 -16.44 12.79
CA ILE B 12 -0.22 -17.34 11.74
C ILE B 12 -1.21 -17.41 10.58
N LEU B 13 -2.50 -17.36 10.86
CA LEU B 13 -3.50 -17.36 9.82
C LEU B 13 -3.50 -16.06 9.02
N LEU B 14 -3.37 -14.93 9.73
CA LEU B 14 -3.30 -13.63 9.09
C LEU B 14 -2.12 -13.62 8.13
N ALA B 15 -1.00 -14.12 8.61
CA ALA B 15 0.20 -14.20 7.78
C ALA B 15 -0.03 -15.01 6.49
N ALA B 16 -0.81 -16.08 6.57
CA ALA B 16 -1.05 -16.94 5.43
C ALA B 16 -1.91 -16.24 4.39
N VAL B 17 -3.02 -15.66 4.83
CA VAL B 17 -3.87 -14.88 3.95
C VAL B 17 -3.11 -13.73 3.28
N SER B 18 -2.22 -13.10 4.05
CA SER B 18 -1.46 -11.97 3.53
C SER B 18 -0.55 -12.39 2.40
N ILE B 19 0.02 -13.57 2.53
CA ILE B 19 0.93 -14.08 1.52
C ILE B 19 0.16 -14.53 0.29
N LEU B 20 -1.02 -15.09 0.51
CA LEU B 20 -1.88 -15.47 -0.60
C LEU B 20 -2.32 -14.27 -1.40
N SER B 21 -2.74 -13.23 -0.69
CA SER B 21 -3.26 -12.05 -1.35
C SER B 21 -2.14 -11.34 -2.11
N ALA B 22 -0.93 -11.39 -1.56
CA ALA B 22 0.23 -10.79 -2.19
C ALA B 22 0.58 -11.49 -3.49
N CYS B 23 0.37 -12.80 -3.54
CA CYS B 23 0.57 -13.54 -4.78
C CYS B 23 -0.48 -13.18 -5.82
N GLN B 24 -1.72 -12.95 -5.39
CA GLN B 24 -2.73 -12.58 -6.34
C GLN B 24 -2.34 -11.23 -6.96
N GLN B 25 -1.83 -10.30 -6.14
CA GLN B 25 -1.45 -8.97 -6.64
C GLN B 25 -0.30 -9.01 -7.64
N SER B 26 0.67 -9.88 -7.42
CA SER B 26 1.76 -10.02 -8.37
C SER B 26 1.25 -10.69 -9.62
N TYR B 27 0.23 -11.51 -9.46
CA TYR B 27 -0.37 -12.13 -10.60
C TYR B 27 -1.06 -11.07 -11.48
N PHE B 28 -1.77 -10.13 -10.86
CA PHE B 28 -2.44 -9.06 -11.59
C PHE B 28 -1.42 -8.21 -12.36
N ALA B 29 -0.27 -7.96 -11.73
CA ALA B 29 0.80 -7.22 -12.38
C ALA B 29 1.36 -7.97 -13.59
N LEU B 30 1.37 -9.30 -13.56
CA LEU B 30 1.87 -10.11 -14.67
C LEU B 30 1.01 -9.96 -15.91
N GLN B 31 -0.32 -9.93 -15.71
CA GLN B 31 -1.28 -9.79 -16.80
C GLN B 31 -1.16 -8.44 -17.54
N VAL B 32 -0.90 -7.38 -16.78
CA VAL B 32 -0.70 -6.08 -17.36
C VAL B 32 0.54 -6.14 -18.23
N GLY B 33 1.56 -6.80 -17.72
CA GLY B 33 2.78 -6.97 -18.47
C GLY B 33 2.58 -7.74 -19.76
N LYS B 34 1.78 -8.80 -19.71
CA LYS B 34 1.48 -9.57 -20.91
C LYS B 34 0.51 -8.85 -21.87
N ALA B 35 -0.39 -8.05 -21.33
CA ALA B 35 -1.32 -7.27 -22.15
C ALA B 35 -0.60 -6.18 -22.96
N ARG B 36 0.46 -5.65 -22.35
CA ARG B 36 1.29 -4.64 -22.99
C ARG B 36 1.89 -5.23 -24.29
N LEU B 37 2.29 -6.50 -24.22
CA LEU B 37 2.89 -7.19 -25.36
C LEU B 37 1.87 -7.58 -26.41
N LYS B 38 0.70 -8.01 -25.98
CA LYS B 38 -0.32 -8.44 -26.93
C LYS B 38 -0.92 -7.29 -27.74
N TYR B 39 -1.01 -6.09 -27.17
CA TYR B 39 -1.66 -4.99 -27.85
C TYR B 39 -0.71 -3.89 -28.22
N LYS B 40 0.59 -4.15 -28.10
CA LYS B 40 1.63 -3.25 -28.58
C LYS B 40 1.50 -1.82 -28.08
N VAL B 41 1.52 -1.68 -26.76
CA VAL B 41 1.50 -0.40 -26.11
C VAL B 41 2.90 -0.09 -25.62
N THR B 42 3.51 0.91 -26.20
CA THR B 42 4.89 1.29 -25.94
C THR B 42 4.98 2.00 -24.60
N PRO B 43 5.81 1.50 -23.67
CA PRO B 43 6.01 2.13 -22.34
C PRO B 43 6.61 3.53 -22.50
N PRO B 44 6.22 4.51 -21.65
CA PRO B 44 5.36 4.44 -20.47
C PRO B 44 3.88 4.72 -20.72
N ALA B 45 3.44 4.69 -21.96
CA ALA B 45 2.05 4.98 -22.28
C ALA B 45 1.14 3.90 -21.72
N VAL B 46 -0.08 4.28 -21.37
CA VAL B 46 -1.08 3.35 -20.87
C VAL B 46 -2.42 3.49 -21.57
N THR B 47 -2.41 4.11 -22.74
CA THR B 47 -3.61 4.22 -23.57
C THR B 47 -3.33 3.83 -25.00
N GLY B 48 -4.39 3.52 -25.74
CA GLY B 48 -4.23 3.16 -27.12
C GLY B 48 -5.09 1.98 -27.47
N SER B 49 -5.14 1.00 -26.58
CA SER B 49 -5.94 -0.19 -26.82
C SER B 49 -7.01 -0.29 -25.76
N PRO B 50 -8.28 -0.37 -26.17
CA PRO B 50 -9.38 -0.44 -25.20
C PRO B 50 -9.24 -1.67 -24.32
N GLU B 51 -8.82 -2.77 -24.90
CA GLU B 51 -8.69 -3.98 -24.10
C GLU B 51 -7.51 -3.85 -23.14
N PHE B 52 -6.45 -3.19 -23.55
CA PHE B 52 -5.37 -2.92 -22.62
C PHE B 52 -5.81 -1.95 -21.54
N GLU B 53 -6.60 -0.97 -21.94
CA GLU B 53 -6.96 0.08 -21.01
C GLU B 53 -7.86 -0.44 -19.90
N ARG B 54 -8.66 -1.47 -20.19
CA ARG B 54 -9.50 -2.07 -19.15
C ARG B 54 -8.67 -2.92 -18.17
N VAL B 55 -7.72 -3.68 -18.71
CA VAL B 55 -6.84 -4.46 -17.85
C VAL B 55 -5.99 -3.55 -16.93
N PHE B 56 -5.47 -2.46 -17.45
CA PHE B 56 -4.64 -1.55 -16.67
C PHE B 56 -5.44 -0.94 -15.51
N ARG B 57 -6.64 -0.45 -15.80
CA ARG B 57 -7.50 0.21 -14.82
C ARG B 57 -7.92 -0.75 -13.71
N ALA B 58 -8.20 -1.99 -14.10
CA ALA B 58 -8.57 -3.03 -13.15
C ALA B 58 -7.45 -3.30 -12.16
N GLN B 59 -6.25 -3.51 -12.68
CA GLN B 59 -5.11 -3.77 -11.82
C GLN B 59 -4.85 -2.55 -10.94
N GLN B 60 -5.12 -1.36 -11.46
CA GLN B 60 -4.94 -0.12 -10.71
C GLN B 60 -5.88 -0.03 -9.53
N ASN B 61 -7.14 -0.36 -9.74
CA ASN B 61 -8.13 -0.30 -8.67
C ASN B 61 -7.81 -1.34 -7.57
N CYS B 62 -7.37 -2.53 -7.96
CA CYS B 62 -6.96 -3.52 -6.99
C CYS B 62 -5.74 -3.08 -6.21
N VAL B 63 -4.73 -2.59 -6.91
CA VAL B 63 -3.46 -2.33 -6.25
C VAL B 63 -3.58 -1.11 -5.31
N GLU B 64 -4.58 -0.27 -5.52
CA GLU B 64 -4.80 0.87 -4.66
C GLU B 64 -5.32 0.45 -3.31
N PHE B 65 -6.27 -0.48 -3.35
CA PHE B 65 -7.02 -0.90 -2.19
C PHE B 65 -6.26 -1.89 -1.32
N TYR B 66 -5.20 -2.45 -1.88
CA TYR B 66 -4.47 -3.48 -1.19
C TYR B 66 -4.01 -3.08 0.22
N PRO B 67 -3.38 -1.90 0.39
CA PRO B 67 -2.97 -1.62 1.77
C PRO B 67 -4.12 -1.38 2.72
N ILE B 68 -5.27 -0.97 2.20
CA ILE B 68 -6.44 -0.75 3.04
C ILE B 68 -7.01 -2.07 3.50
N PHE B 69 -6.93 -3.06 2.63
CA PHE B 69 -7.41 -4.38 2.96
C PHE B 69 -6.50 -5.03 4.02
N ILE B 70 -5.20 -4.84 3.88
CA ILE B 70 -4.26 -5.43 4.83
C ILE B 70 -4.42 -4.87 6.24
N ILE B 71 -4.50 -3.55 6.37
CA ILE B 71 -4.66 -2.92 7.67
C ILE B 71 -5.98 -3.37 8.31
N THR B 72 -7.05 -3.35 7.52
CA THR B 72 -8.34 -3.77 7.98
C THR B 72 -8.36 -5.24 8.36
N LEU B 73 -7.65 -6.07 7.62
CA LEU B 73 -7.55 -7.49 7.92
C LEU B 73 -6.86 -7.77 9.26
N TRP B 74 -5.75 -7.10 9.51
CA TRP B 74 -4.99 -7.34 10.72
C TRP B 74 -5.66 -6.73 11.93
N MET B 75 -6.27 -5.56 11.78
CA MET B 75 -6.98 -4.96 12.89
C MET B 75 -8.20 -5.79 13.28
N ALA B 76 -8.86 -6.40 12.31
CA ALA B 76 -9.99 -7.25 12.63
C ALA B 76 -9.49 -8.49 13.37
N GLY B 77 -8.42 -9.08 12.86
CA GLY B 77 -7.86 -10.31 13.41
C GLY B 77 -7.21 -10.20 14.77
N TRP B 78 -6.61 -9.05 15.05
CA TRP B 78 -5.96 -8.83 16.32
C TRP B 78 -6.93 -8.46 17.43
N TYR B 79 -7.91 -7.63 17.13
CA TYR B 79 -8.77 -7.12 18.20
C TYR B 79 -10.19 -7.69 18.17
N PHE B 80 -10.51 -8.61 17.26
CA PHE B 80 -11.86 -9.15 17.27
C PHE B 80 -11.85 -10.69 17.23
N ASN B 81 -11.34 -11.27 16.14
CA ASN B 81 -11.18 -12.73 16.04
C ASN B 81 -10.36 -13.14 14.83
N GLN B 82 -9.26 -13.85 15.06
CA GLN B 82 -8.35 -14.19 13.99
C GLN B 82 -9.02 -15.13 12.98
N VAL B 83 -9.82 -16.07 13.46
CA VAL B 83 -10.50 -17.00 12.58
C VAL B 83 -11.57 -16.34 11.71
N PHE B 84 -12.33 -15.39 12.25
CA PHE B 84 -13.39 -14.77 11.48
C PHE B 84 -12.80 -13.85 10.41
N ALA B 85 -11.78 -13.08 10.79
CA ALA B 85 -11.09 -12.21 9.87
C ALA B 85 -10.46 -13.03 8.74
N THR B 86 -9.84 -14.14 9.12
CA THR B 86 -9.18 -15.05 8.19
C THR B 86 -10.12 -15.58 7.12
N CYS B 87 -11.34 -15.93 7.50
CA CYS B 87 -12.30 -16.46 6.54
C CYS B 87 -12.80 -15.39 5.59
N LEU B 88 -13.13 -14.21 6.12
CA LEU B 88 -13.52 -13.11 5.25
C LEU B 88 -12.39 -12.74 4.31
N GLY B 89 -11.17 -12.80 4.83
CA GLY B 89 -10.01 -12.48 4.03
C GLY B 89 -9.96 -13.30 2.75
N LEU B 90 -10.27 -14.59 2.85
CA LEU B 90 -10.27 -15.47 1.68
C LEU B 90 -11.33 -15.10 0.67
N VAL B 91 -12.51 -14.78 1.16
CA VAL B 91 -13.61 -14.41 0.27
C VAL B 91 -13.27 -13.11 -0.45
N TYR B 92 -12.61 -12.19 0.24
CA TYR B 92 -12.19 -10.93 -0.37
C TYR B 92 -11.23 -11.20 -1.53
N ILE B 93 -10.28 -12.11 -1.32
CA ILE B 93 -9.34 -12.48 -2.36
C ILE B 93 -10.09 -13.04 -3.56
N TYR B 94 -11.14 -13.79 -3.27
CA TYR B 94 -11.99 -14.37 -4.31
C TYR B 94 -12.75 -13.31 -5.09
N GLY B 95 -13.37 -12.38 -4.38
CA GLY B 95 -14.05 -11.25 -5.00
C GLY B 95 -13.19 -10.42 -5.95
N ARG B 96 -11.93 -10.23 -5.58
CA ARG B 96 -11.04 -9.43 -6.40
C ARG B 96 -10.65 -10.19 -7.65
N HIS B 97 -10.69 -11.51 -7.56
CA HIS B 97 -10.43 -12.33 -8.72
C HIS B 97 -11.56 -12.14 -9.74
N LEU B 98 -12.79 -12.08 -9.24
CA LEU B 98 -13.93 -11.84 -10.09
C LEU B 98 -13.87 -10.46 -10.70
N TYR B 99 -13.59 -9.46 -9.88
CA TYR B 99 -13.53 -8.07 -10.33
C TYR B 99 -12.58 -7.92 -11.50
N PHE B 100 -11.38 -8.47 -11.34
CA PHE B 100 -10.32 -8.25 -12.29
C PHE B 100 -10.63 -8.90 -13.62
N TRP B 101 -10.96 -10.18 -13.58
CA TRP B 101 -11.24 -10.88 -14.80
C TRP B 101 -12.56 -10.41 -15.38
N GLY B 102 -13.48 -10.00 -14.51
CA GLY B 102 -14.73 -9.43 -14.93
C GLY B 102 -14.54 -8.17 -15.74
N TYR B 103 -13.73 -7.25 -15.21
CA TYR B 103 -13.57 -5.92 -15.79
C TYR B 103 -12.85 -6.09 -17.12
N SER B 104 -11.92 -7.04 -17.17
CA SER B 104 -11.12 -7.29 -18.36
C SER B 104 -11.93 -7.66 -19.59
N GLU B 105 -13.05 -8.34 -19.42
CA GLU B 105 -13.86 -8.70 -20.57
C GLU B 105 -14.85 -7.57 -20.92
N ALA B 106 -15.34 -6.85 -19.90
CA ALA B 106 -16.27 -5.74 -20.11
C ALA B 106 -16.36 -4.86 -18.87
N ALA B 107 -16.40 -3.54 -19.09
CA ALA B 107 -16.39 -2.54 -18.00
C ALA B 107 -17.47 -2.77 -16.95
N LYS B 108 -18.61 -3.29 -17.38
CA LYS B 108 -19.72 -3.52 -16.47
C LYS B 108 -19.85 -4.93 -15.90
N LYS B 109 -19.00 -5.86 -16.32
CA LYS B 109 -19.04 -7.21 -15.73
C LYS B 109 -18.09 -7.36 -14.54
N ARG B 110 -17.65 -6.22 -14.01
CA ARG B 110 -16.78 -6.16 -12.86
C ARG B 110 -17.60 -6.05 -11.56
N ILE B 111 -18.89 -5.75 -11.71
CA ILE B 111 -19.72 -5.28 -10.59
C ILE B 111 -20.01 -6.33 -9.52
N THR B 112 -20.23 -7.58 -9.89
CA THR B 112 -20.46 -8.58 -8.84
C THR B 112 -19.23 -8.67 -7.93
N GLY B 113 -18.08 -8.94 -8.53
CA GLY B 113 -16.84 -9.04 -7.78
C GLY B 113 -16.51 -7.75 -7.04
N PHE B 114 -16.99 -6.63 -7.56
CA PHE B 114 -16.77 -5.34 -6.92
C PHE B 114 -17.60 -5.17 -5.65
N ARG B 115 -18.87 -5.52 -5.69
CA ARG B 115 -19.73 -5.39 -4.52
C ARG B 115 -19.34 -6.40 -3.43
N LEU B 116 -18.93 -7.58 -3.87
CA LEU B 116 -18.52 -8.62 -2.95
C LEU B 116 -17.32 -8.20 -2.10
N SER B 117 -16.28 -7.70 -2.75
CA SER B 117 -15.03 -7.45 -2.03
C SER B 117 -15.14 -6.20 -1.16
N LEU B 118 -15.98 -5.27 -1.57
CA LEU B 118 -16.21 -4.06 -0.78
C LEU B 118 -17.19 -4.26 0.36
N GLY B 119 -18.15 -5.15 0.17
CA GLY B 119 -19.05 -5.48 1.26
C GLY B 119 -18.20 -6.06 2.36
N ILE B 120 -17.36 -7.02 1.98
CA ILE B 120 -16.45 -7.68 2.92
C ILE B 120 -15.49 -6.74 3.62
N LEU B 121 -14.93 -5.81 2.87
CA LEU B 121 -13.99 -4.84 3.42
C LEU B 121 -14.65 -4.03 4.52
N ALA B 122 -15.92 -3.71 4.34
CA ALA B 122 -16.65 -2.89 5.29
C ALA B 122 -16.94 -3.64 6.59
N LEU B 123 -17.33 -4.90 6.45
CA LEU B 123 -17.55 -5.77 7.59
C LEU B 123 -16.29 -5.88 8.41
N LEU B 124 -15.18 -6.15 7.73
CA LEU B 124 -13.89 -6.19 8.40
C LEU B 124 -13.60 -4.85 9.11
N THR B 125 -13.93 -3.74 8.48
CA THR B 125 -13.72 -2.44 9.11
C THR B 125 -14.54 -2.32 10.38
N LEU B 126 -15.77 -2.80 10.30
CA LEU B 126 -16.69 -2.75 11.42
C LEU B 126 -16.11 -3.50 12.61
N LEU B 127 -15.69 -4.73 12.34
CA LEU B 127 -15.11 -5.58 13.38
C LEU B 127 -13.89 -4.95 14.01
N GLY B 128 -12.99 -4.44 13.18
CA GLY B 128 -11.82 -3.76 13.69
C GLY B 128 -12.14 -2.58 14.59
N ALA B 129 -13.16 -1.82 14.22
CA ALA B 129 -13.57 -0.66 14.99
C ALA B 129 -14.14 -1.06 16.34
N LEU B 130 -14.92 -2.13 16.38
CA LEU B 130 -15.52 -2.61 17.63
C LEU B 130 -14.48 -3.09 18.62
N GLY B 131 -13.66 -4.02 18.17
CA GLY B 131 -12.60 -4.59 18.99
C GLY B 131 -11.58 -3.57 19.46
N ILE B 132 -11.21 -2.63 18.61
CA ILE B 132 -10.28 -1.60 19.04
C ILE B 132 -10.97 -0.74 20.09
N ALA B 133 -12.24 -0.45 19.85
CA ALA B 133 -13.03 0.34 20.78
C ALA B 133 -13.12 -0.37 22.11
N ASN B 134 -13.58 -1.62 22.08
CA ASN B 134 -13.70 -2.41 23.29
C ASN B 134 -12.41 -2.48 24.09
N SER B 135 -11.29 -2.58 23.38
CA SER B 135 -10.00 -2.68 24.04
C SER B 135 -9.60 -1.34 24.60
N PHE B 136 -10.15 -0.28 24.04
CA PHE B 136 -9.80 1.06 24.49
C PHE B 136 -10.58 1.48 25.73
N LEU B 137 -11.80 0.99 25.85
CA LEU B 137 -12.63 1.38 26.98
C LEU B 137 -12.23 0.56 28.17
N ASP B 138 -11.58 -0.56 27.90
CA ASP B 138 -11.11 -1.43 28.94
C ASP B 138 -9.69 -1.09 29.37
N GLU B 139 -8.99 -0.26 28.61
CA GLU B 139 -7.62 -0.01 29.02
C GLU B 139 -7.30 1.39 29.49
N TYR B 140 -8.13 2.36 29.15
CA TYR B 140 -7.91 3.70 29.66
C TYR B 140 -9.09 4.25 30.44
N LEU B 141 -10.18 3.48 30.51
CA LEU B 141 -11.38 3.93 31.20
C LEU B 141 -11.99 2.78 31.97
N ASP B 142 -11.30 1.65 31.95
CA ASP B 142 -11.67 0.49 32.74
C ASP B 142 -13.11 0.01 32.51
N LEU B 143 -13.59 0.09 31.28
CA LEU B 143 -14.91 -0.47 30.99
C LEU B 143 -14.86 -1.52 29.86
N ASN B 144 -15.17 -2.76 30.22
CA ASN B 144 -15.29 -3.84 29.26
C ASN B 144 -16.75 -4.15 29.01
N ILE B 145 -17.12 -4.34 27.75
CA ILE B 145 -18.43 -4.93 27.46
C ILE B 145 -18.34 -6.46 27.53
N ALA B 146 -18.08 -6.95 28.74
CA ALA B 146 -18.00 -8.38 29.00
C ALA B 146 -19.24 -8.92 29.73
N LYS B 147 -20.16 -9.54 28.99
CA LYS B 147 -21.33 -10.21 29.56
C LYS B 147 -22.21 -10.82 28.47
N ASN C 10 0.84 -3.13 24.11
CA ASN C 10 -0.05 -2.03 23.74
C ASN C 10 0.31 -1.42 22.39
N SER C 11 -0.67 -1.36 21.50
CA SER C 11 -0.56 -0.67 20.23
C SER C 11 -1.93 -0.09 19.90
N ILE C 12 -2.76 0.02 20.93
CA ILE C 12 -4.16 0.41 20.77
C ILE C 12 -4.34 1.80 20.17
N LEU C 13 -3.47 2.72 20.52
CA LEU C 13 -3.53 4.07 19.98
C LEU C 13 -3.14 4.06 18.49
N LEU C 14 -2.08 3.32 18.16
CA LEU C 14 -1.66 3.13 16.78
C LEU C 14 -2.81 2.51 16.02
N ALA C 15 -3.40 1.48 16.62
CA ALA C 15 -4.50 0.77 16.02
C ALA C 15 -5.70 1.65 15.69
N ALA C 16 -5.98 2.65 16.53
CA ALA C 16 -7.13 3.52 16.33
C ALA C 16 -6.90 4.47 15.14
N VAL C 17 -5.75 5.12 15.16
CA VAL C 17 -5.35 6.02 14.12
C VAL C 17 -5.36 5.33 12.76
N SER C 18 -4.87 4.09 12.72
CA SER C 18 -4.81 3.33 11.48
C SER C 18 -6.20 3.08 10.89
N ILE C 19 -7.17 2.73 11.75
CA ILE C 19 -8.52 2.42 11.29
C ILE C 19 -9.21 3.73 10.90
N LEU C 20 -8.83 4.80 11.59
CA LEU C 20 -9.32 6.11 11.22
C LEU C 20 -8.89 6.50 9.81
N SER C 21 -7.60 6.35 9.53
CA SER C 21 -7.06 6.77 8.25
C SER C 21 -7.59 5.91 7.12
N ALA C 22 -7.77 4.62 7.39
CA ALA C 22 -8.28 3.73 6.35
C ALA C 22 -9.70 4.13 5.96
N CYS C 23 -10.48 4.63 6.91
CA CYS C 23 -11.81 5.17 6.61
C CYS C 23 -11.73 6.48 5.78
N GLN C 24 -10.74 7.32 6.03
CA GLN C 24 -10.61 8.50 5.21
C GLN C 24 -10.23 8.11 3.76
N GLN C 25 -9.34 7.13 3.59
CA GLN C 25 -8.94 6.69 2.26
C GLN C 25 -10.09 6.06 1.49
N SER C 26 -10.94 5.32 2.18
CA SER C 26 -12.09 4.76 1.50
C SER C 26 -13.10 5.84 1.13
N TYR C 27 -13.16 6.89 1.94
CA TYR C 27 -14.04 8.02 1.68
C TYR C 27 -13.63 8.79 0.44
N PHE C 28 -12.33 8.99 0.29
CA PHE C 28 -11.78 9.67 -0.87
C PHE C 28 -12.09 8.86 -2.12
N ALA C 29 -11.95 7.56 -2.05
CA ALA C 29 -12.25 6.72 -3.19
C ALA C 29 -13.72 6.84 -3.57
N LEU C 30 -14.55 7.03 -2.57
CA LEU C 30 -15.98 7.19 -2.79
C LEU C 30 -16.24 8.52 -3.52
N GLN C 31 -15.49 9.57 -3.16
CA GLN C 31 -15.64 10.89 -3.77
C GLN C 31 -15.36 10.82 -5.26
N VAL C 32 -14.37 10.05 -5.66
CA VAL C 32 -14.05 9.89 -7.07
C VAL C 32 -15.19 9.17 -7.76
N GLY C 33 -15.78 8.20 -7.09
CA GLY C 33 -16.91 7.48 -7.65
C GLY C 33 -18.10 8.37 -7.95
N LYS C 34 -18.47 9.30 -7.06
CA LYS C 34 -19.54 10.24 -7.40
C LYS C 34 -19.12 11.26 -8.45
N ALA C 35 -17.82 11.56 -8.53
CA ALA C 35 -17.35 12.50 -9.54
C ALA C 35 -17.52 11.94 -10.95
N ARG C 36 -17.38 10.63 -11.10
CA ARG C 36 -17.58 10.02 -12.41
C ARG C 36 -18.98 10.27 -12.92
N LEU C 37 -19.96 10.24 -12.01
CA LEU C 37 -21.36 10.42 -12.38
C LEU C 37 -21.73 11.88 -12.61
N LYS C 38 -21.17 12.76 -11.80
CA LYS C 38 -21.49 14.17 -11.89
C LYS C 38 -20.91 14.75 -13.19
N TYR C 39 -19.78 14.21 -13.64
CA TYR C 39 -19.10 14.76 -14.81
C TYR C 39 -18.98 13.78 -15.98
N LYS C 40 -19.74 12.70 -15.91
CA LYS C 40 -19.91 11.78 -17.03
C LYS C 40 -18.62 11.27 -17.63
N VAL C 41 -17.76 10.72 -16.78
CA VAL C 41 -16.53 10.13 -17.27
C VAL C 41 -16.65 8.63 -17.15
N THR C 42 -16.78 7.98 -18.29
CA THR C 42 -17.03 6.55 -18.37
C THR C 42 -15.77 5.70 -18.25
N PRO C 43 -15.77 4.71 -17.33
CA PRO C 43 -14.63 3.82 -17.13
C PRO C 43 -14.36 3.04 -18.40
N PRO C 44 -13.08 2.77 -18.72
CA PRO C 44 -11.90 3.01 -17.89
C PRO C 44 -11.19 4.36 -18.11
N ALA C 45 -11.85 5.35 -18.70
CA ALA C 45 -11.21 6.67 -18.87
C ALA C 45 -11.03 7.38 -17.53
N VAL C 46 -9.97 8.18 -17.41
CA VAL C 46 -9.78 8.99 -16.21
C VAL C 46 -9.50 10.45 -16.57
N THR C 47 -9.80 10.79 -17.81
CA THR C 47 -9.64 12.16 -18.30
C THR C 47 -10.86 12.66 -19.06
N GLY C 48 -10.93 13.99 -19.19
CA GLY C 48 -12.03 14.64 -19.85
C GLY C 48 -12.39 15.87 -19.03
N SER C 49 -13.23 15.69 -18.02
CA SER C 49 -13.65 16.81 -17.19
C SER C 49 -12.52 17.31 -16.31
N PRO C 50 -12.22 18.61 -16.38
CA PRO C 50 -11.12 19.14 -15.58
C PRO C 50 -11.26 18.98 -14.06
N GLU C 51 -12.43 19.21 -13.48
CA GLU C 51 -12.49 19.11 -12.01
C GLU C 51 -12.46 17.64 -11.62
N PHE C 52 -12.97 16.76 -12.48
CA PHE C 52 -12.81 15.35 -12.23
C PHE C 52 -11.33 15.00 -12.17
N GLU C 53 -10.51 15.61 -13.00
CA GLU C 53 -9.10 15.23 -13.00
C GLU C 53 -8.45 15.67 -11.71
N ARG C 54 -8.97 16.75 -11.13
CA ARG C 54 -8.45 17.27 -9.86
C ARG C 54 -8.85 16.37 -8.70
N VAL C 55 -10.09 15.90 -8.71
CA VAL C 55 -10.54 14.97 -7.68
C VAL C 55 -9.76 13.67 -7.75
N PHE C 56 -9.64 13.12 -8.96
CA PHE C 56 -8.97 11.84 -9.21
C PHE C 56 -7.50 11.90 -8.81
N ARG C 57 -6.79 12.94 -9.26
CA ARG C 57 -5.39 13.10 -8.93
C ARG C 57 -5.14 13.29 -7.43
N ALA C 58 -6.02 14.01 -6.75
CA ALA C 58 -5.89 14.19 -5.31
C ALA C 58 -5.97 12.85 -4.56
N GLN C 59 -6.99 12.06 -4.90
CA GLN C 59 -7.20 10.74 -4.32
C GLN C 59 -6.05 9.79 -4.66
N GLN C 60 -5.47 9.96 -5.83
CA GLN C 60 -4.37 9.12 -6.22
C GLN C 60 -3.13 9.43 -5.39
N ASN C 61 -2.82 10.69 -5.16
CA ASN C 61 -1.63 11.04 -4.37
C ASN C 61 -1.74 10.59 -2.92
N CYS C 62 -2.93 10.62 -2.38
CA CYS C 62 -3.18 10.12 -1.05
C CYS C 62 -2.99 8.61 -0.99
N VAL C 63 -3.58 7.90 -1.93
CA VAL C 63 -3.58 6.46 -1.84
C VAL C 63 -2.15 5.97 -2.04
N GLU C 64 -1.32 6.77 -2.70
CA GLU C 64 0.06 6.36 -2.91
C GLU C 64 0.83 6.44 -1.62
N PHE C 65 0.65 7.54 -0.91
CA PHE C 65 1.44 7.80 0.27
C PHE C 65 0.97 7.04 1.51
N TYR C 66 -0.23 6.48 1.44
CA TYR C 66 -0.83 5.81 2.60
C TYR C 66 0.04 4.74 3.26
N PRO C 67 0.59 3.79 2.49
CA PRO C 67 1.39 2.78 3.18
C PRO C 67 2.65 3.35 3.76
N ILE C 68 3.12 4.48 3.24
CA ILE C 68 4.31 5.12 3.78
C ILE C 68 4.01 5.80 5.12
N PHE C 69 2.80 6.31 5.28
CA PHE C 69 2.40 6.94 6.52
C PHE C 69 2.26 5.87 7.58
N ILE C 70 1.66 4.76 7.19
CA ILE C 70 1.41 3.66 8.09
C ILE C 70 2.68 3.06 8.66
N ILE C 71 3.64 2.80 7.80
CA ILE C 71 4.88 2.25 8.28
C ILE C 71 5.61 3.21 9.21
N THR C 72 5.80 4.47 8.83
CA THR C 72 6.53 5.42 9.69
C THR C 72 5.79 5.62 10.99
N LEU C 73 4.47 5.66 10.90
CA LEU C 73 3.59 5.78 12.06
C LEU C 73 3.82 4.67 13.09
N TRP C 74 3.92 3.43 12.63
CA TRP C 74 4.08 2.32 13.55
C TRP C 74 5.51 2.20 14.04
N MET C 75 6.48 2.50 13.19
CA MET C 75 7.86 2.42 13.68
C MET C 75 8.15 3.46 14.75
N ALA C 76 7.59 4.65 14.60
CA ALA C 76 7.76 5.69 15.59
C ALA C 76 7.02 5.31 16.87
N GLY C 77 5.79 4.84 16.73
CA GLY C 77 4.99 4.50 17.89
C GLY C 77 5.59 3.34 18.66
N TRP C 78 6.21 2.41 17.95
CA TRP C 78 6.82 1.25 18.58
C TRP C 78 8.19 1.56 19.16
N TYR C 79 9.01 2.31 18.44
CA TYR C 79 10.38 2.51 18.90
C TYR C 79 10.66 3.91 19.45
N PHE C 80 9.65 4.76 19.55
CA PHE C 80 9.88 6.05 20.19
C PHE C 80 8.86 6.36 21.28
N ASN C 81 7.60 6.54 20.88
CA ASN C 81 6.54 6.77 21.84
C ASN C 81 5.18 6.69 21.20
N GLN C 82 4.31 5.84 21.72
CA GLN C 82 3.04 5.67 21.07
C GLN C 82 2.16 6.93 21.11
N VAL C 83 2.17 7.64 22.24
CA VAL C 83 1.29 8.81 22.42
C VAL C 83 1.66 10.00 21.51
N PHE C 84 2.95 10.24 21.33
CA PHE C 84 3.46 11.33 20.51
C PHE C 84 3.20 11.06 19.02
N ALA C 85 3.48 9.82 18.60
CA ALA C 85 3.24 9.36 17.23
C ALA C 85 1.77 9.43 16.87
N THR C 86 0.94 8.98 17.80
CA THR C 86 -0.50 8.98 17.66
C THR C 86 -0.99 10.41 17.43
N CYS C 87 -0.40 11.36 18.14
CA CYS C 87 -0.82 12.75 17.98
C CYS C 87 -0.44 13.26 16.63
N LEU C 88 0.81 12.99 16.23
CA LEU C 88 1.27 13.40 14.92
C LEU C 88 0.37 12.77 13.87
N GLY C 89 0.00 11.52 14.12
CA GLY C 89 -0.87 10.77 13.25
C GLY C 89 -2.16 11.50 12.99
N LEU C 90 -2.71 12.08 14.04
CA LEU C 90 -3.94 12.86 13.95
C LEU C 90 -3.73 14.09 13.08
N VAL C 91 -2.57 14.72 13.22
CA VAL C 91 -2.29 15.92 12.46
C VAL C 91 -2.18 15.61 10.97
N TYR C 92 -1.60 14.46 10.64
CA TYR C 92 -1.48 14.05 9.26
C TYR C 92 -2.86 13.83 8.63
N ILE C 93 -3.74 13.17 9.37
CA ILE C 93 -5.07 12.87 8.85
C ILE C 93 -5.80 14.15 8.47
N TYR C 94 -5.60 15.18 9.27
CA TYR C 94 -6.19 16.49 9.03
C TYR C 94 -5.56 17.23 7.84
N GLY C 95 -4.23 17.27 7.79
CA GLY C 95 -3.54 17.82 6.64
C GLY C 95 -4.02 17.21 5.32
N ARG C 96 -4.29 15.90 5.33
CA ARG C 96 -4.75 15.21 4.14
C ARG C 96 -6.19 15.59 3.85
N HIS C 97 -6.92 15.96 4.88
CA HIS C 97 -8.28 16.45 4.69
C HIS C 97 -8.27 17.82 3.99
N LEU C 98 -7.30 18.65 4.32
CA LEU C 98 -7.13 19.94 3.68
C LEU C 98 -6.70 19.80 2.23
N TYR C 99 -5.71 18.93 2.04
CA TYR C 99 -5.15 18.66 0.73
C TYR C 99 -6.23 18.25 -0.24
N PHE C 100 -7.04 17.29 0.18
CA PHE C 100 -8.00 16.69 -0.74
C PHE C 100 -9.06 17.68 -1.13
N TRP C 101 -9.65 18.33 -0.15
CA TRP C 101 -10.73 19.26 -0.44
C TRP C 101 -10.22 20.56 -1.10
N GLY C 102 -9.03 21.00 -0.73
CA GLY C 102 -8.44 22.17 -1.35
C GLY C 102 -8.24 21.94 -2.84
N TYR C 103 -7.65 20.79 -3.15
CA TYR C 103 -7.24 20.48 -4.51
C TYR C 103 -8.48 20.29 -5.37
N SER C 104 -9.53 19.72 -4.79
CA SER C 104 -10.77 19.50 -5.54
C SER C 104 -11.31 20.81 -6.07
N GLU C 105 -11.11 21.88 -5.32
CA GLU C 105 -11.66 23.15 -5.71
C GLU C 105 -10.74 23.86 -6.69
N ALA C 106 -9.44 23.77 -6.44
CA ALA C 106 -8.46 24.41 -7.29
C ALA C 106 -7.06 23.93 -6.95
N ALA C 107 -6.25 23.66 -7.97
CA ALA C 107 -4.92 23.10 -7.77
C ALA C 107 -4.04 23.85 -6.78
N LYS C 108 -4.25 25.15 -6.62
CA LYS C 108 -3.38 25.91 -5.72
C LYS C 108 -3.93 25.94 -4.30
N LYS C 109 -5.12 25.39 -4.10
CA LYS C 109 -5.65 25.27 -2.75
C LYS C 109 -5.23 23.94 -2.14
N ARG C 110 -4.30 23.25 -2.77
CA ARG C 110 -3.85 22.00 -2.23
C ARG C 110 -2.64 22.26 -1.36
N ILE C 111 -2.07 23.45 -1.48
CA ILE C 111 -0.74 23.69 -0.97
C ILE C 111 -0.60 23.66 0.57
N THR C 112 -1.58 24.19 1.29
CA THR C 112 -1.51 24.17 2.75
C THR C 112 -1.54 22.75 3.33
N GLY C 113 -2.56 21.98 2.96
CA GLY C 113 -2.70 20.62 3.44
C GLY C 113 -1.54 19.71 3.08
N PHE C 114 -0.91 20.02 1.96
CA PHE C 114 0.23 19.28 1.45
C PHE C 114 1.46 19.48 2.30
N ARG C 115 1.73 20.73 2.65
CA ARG C 115 2.91 21.05 3.45
C ARG C 115 2.75 20.52 4.87
N LEU C 116 1.53 20.58 5.35
CA LEU C 116 1.23 20.09 6.67
C LEU C 116 1.51 18.59 6.70
N SER C 117 1.01 17.87 5.71
CA SER C 117 1.09 16.42 5.74
C SER C 117 2.51 15.94 5.46
N LEU C 118 3.27 16.73 4.71
CA LEU C 118 4.65 16.36 4.45
C LEU C 118 5.55 16.67 5.65
N GLY C 119 5.17 17.67 6.44
CA GLY C 119 5.88 17.96 7.68
C GLY C 119 5.81 16.84 8.70
N ILE C 120 4.60 16.37 8.95
CA ILE C 120 4.39 15.29 9.88
C ILE C 120 5.15 14.03 9.47
N LEU C 121 5.08 13.73 8.18
CA LEU C 121 5.71 12.55 7.63
C LEU C 121 7.21 12.50 7.83
N ALA C 122 7.89 13.62 7.66
CA ALA C 122 9.34 13.65 7.83
C ALA C 122 9.68 13.51 9.29
N LEU C 123 8.87 14.15 10.12
CA LEU C 123 9.02 14.04 11.55
C LEU C 123 8.88 12.60 12.01
N LEU C 124 7.81 11.95 11.59
CA LEU C 124 7.59 10.55 11.91
C LEU C 124 8.79 9.72 11.47
N THR C 125 9.32 10.00 10.28
CA THR C 125 10.49 9.27 9.82
C THR C 125 11.64 9.48 10.77
N LEU C 126 11.83 10.74 11.17
CA LEU C 126 12.90 11.14 12.06
C LEU C 126 12.78 10.46 13.40
N LEU C 127 11.59 10.50 13.98
CA LEU C 127 11.37 9.85 15.28
C LEU C 127 11.58 8.34 15.25
N GLY C 128 11.00 7.68 14.26
CA GLY C 128 11.17 6.25 14.06
C GLY C 128 12.63 5.90 13.87
N ALA C 129 13.34 6.73 13.12
CA ALA C 129 14.74 6.48 12.85
C ALA C 129 15.59 6.62 14.11
N LEU C 130 15.26 7.61 14.93
CA LEU C 130 15.98 7.82 16.19
C LEU C 130 15.73 6.71 17.18
N GLY C 131 14.48 6.40 17.43
CA GLY C 131 14.15 5.35 18.36
C GLY C 131 14.77 4.03 17.97
N ILE C 132 14.76 3.69 16.68
CA ILE C 132 15.37 2.46 16.19
C ILE C 132 16.88 2.51 16.42
N ALA C 133 17.49 3.64 16.10
CA ALA C 133 18.91 3.85 16.33
C ALA C 133 19.22 3.82 17.81
N ASN C 134 18.51 4.66 18.54
CA ASN C 134 18.63 4.77 19.98
C ASN C 134 18.49 3.42 20.65
N SER C 135 17.60 2.60 20.10
CA SER C 135 17.33 1.32 20.70
C SER C 135 18.45 0.33 20.52
N PHE C 136 19.22 0.48 19.44
CA PHE C 136 20.26 -0.52 19.17
C PHE C 136 21.56 -0.20 19.89
N LEU C 137 21.77 1.03 20.32
CA LEU C 137 23.01 1.35 21.03
C LEU C 137 22.96 0.85 22.48
N ASP C 138 21.74 0.63 22.99
CA ASP C 138 21.58 -0.10 24.23
C ASP C 138 21.83 -1.58 23.97
N GLU C 139 21.36 -2.03 22.81
CA GLU C 139 21.58 -3.38 22.28
C GLU C 139 20.80 -4.45 23.05
#